data_5ZHN
#
_entry.id   5ZHN
#
_cell.length_a   84.670
_cell.length_b   84.670
_cell.length_c   148.560
_cell.angle_alpha   90.00
_cell.angle_beta   90.00
_cell.angle_gamma   120.00
#
_symmetry.space_group_name_H-M   'P 32 2 1'
#
loop_
_entity.id
_entity.type
_entity.pdbx_description
1 polymer 'tRNA (guanine-N(1)-)-methyltransferase'
2 non-polymer N-({4-[(octylamino)methyl]phenyl}methyl)-4-oxo-3,4-dihydrothieno[2,3-d]pyrimidine-5-carboxamide
3 water water
#
_entity_poly.entity_id   1
_entity_poly.type   'polypeptide(L)'
_entity_poly.pdbx_seq_one_letter_code
;MHHHHHHSSGVDLGTENLYFQSMLWVGVVSIFPEMFRAISDYGITSRAVKQGLLTLTCWNPRVYTEDRHQTVDDRPFGGG
PGMVMKIKPLEGALADARQAAGGRKAKVIYLSPQGRQLTQAGVRELAEEEALILIAGRYEGIDERFIEEHVDEEWSIGDY
VLSGGELPAMVLVDAVTRLLPGALGHADSAEEDSFTDGLLDCPHYTRPEVYADKRVPEVLLSGNHEHIRRWRLQQALGRT
WERRADLLDSRSLSGEEQKLLAEYIRQRD
;
_entity_poly.pdbx_strand_id   A,B
#
loop_
_chem_comp.id
_chem_comp.type
_chem_comp.name
_chem_comp.formula
9D0 non-polymer N-({4-[(octylamino)methyl]phenyl}methyl)-4-oxo-3,4-dihydrothieno[2,3-d]pyrimidine-5-carboxamide 'C23 H30 N4 O2 S'
#
# COMPACT_ATOMS: atom_id res chain seq x y z
N SER A 22 3.76 -26.53 -0.78
CA SER A 22 3.66 -25.06 -0.81
C SER A 22 2.89 -24.51 0.39
N MET A 23 3.66 -23.89 1.31
CA MET A 23 3.18 -23.26 2.54
C MET A 23 1.89 -22.46 2.35
N LEU A 24 1.90 -21.53 1.39
CA LEU A 24 0.72 -20.71 1.11
C LEU A 24 0.37 -20.70 -0.35
N TRP A 25 -0.93 -20.75 -0.65
CA TRP A 25 -1.44 -20.74 -1.99
C TRP A 25 -2.28 -19.48 -2.17
N VAL A 26 -1.88 -18.60 -3.11
CA VAL A 26 -2.60 -17.35 -3.39
C VAL A 26 -3.19 -17.38 -4.79
N GLY A 27 -4.48 -17.07 -4.86
CA GLY A 27 -5.21 -16.92 -6.11
C GLY A 27 -5.66 -15.47 -6.18
N VAL A 28 -5.31 -14.77 -7.26
CA VAL A 28 -5.72 -13.37 -7.44
C VAL A 28 -6.76 -13.29 -8.56
N VAL A 29 -7.92 -12.67 -8.28
CA VAL A 29 -9.01 -12.45 -9.24
C VAL A 29 -8.92 -10.99 -9.66
N SER A 30 -8.43 -10.74 -10.88
CA SER A 30 -8.25 -9.37 -11.39
C SER A 30 -8.38 -9.33 -12.91
N ILE A 31 -8.82 -8.18 -13.48
CA ILE A 31 -8.90 -8.04 -14.94
C ILE A 31 -7.52 -7.73 -15.59
N PHE A 32 -6.44 -7.56 -14.78
CA PHE A 32 -5.07 -7.27 -15.19
C PHE A 32 -4.13 -8.28 -14.59
N PRO A 33 -4.23 -9.58 -14.98
CA PRO A 33 -3.33 -10.58 -14.41
C PRO A 33 -1.85 -10.27 -14.59
N GLU A 34 -1.51 -9.62 -15.72
CA GLU A 34 -0.12 -9.34 -16.08
C GLU A 34 0.53 -8.24 -15.25
N MET A 35 -0.23 -7.51 -14.39
CA MET A 35 0.32 -6.51 -13.47
C MET A 35 1.08 -7.21 -12.37
N PHE A 36 0.71 -8.47 -12.13
CA PHE A 36 1.23 -9.24 -11.02
C PHE A 36 2.63 -9.82 -11.28
N ARG A 37 3.28 -9.41 -12.39
CA ARG A 37 4.67 -9.82 -12.69
C ARG A 37 5.61 -9.09 -11.73
N ALA A 38 5.20 -7.88 -11.27
CA ALA A 38 5.93 -7.08 -10.29
C ALA A 38 6.21 -7.91 -9.02
N ILE A 39 5.34 -8.88 -8.66
CA ILE A 39 5.59 -9.68 -7.49
C ILE A 39 6.04 -11.09 -7.83
N SER A 40 5.58 -11.65 -8.95
CA SER A 40 5.99 -13.01 -9.33
C SER A 40 7.44 -13.07 -9.89
N ASP A 41 7.88 -12.02 -10.60
CA ASP A 41 9.23 -11.96 -11.19
C ASP A 41 10.29 -11.24 -10.37
N TYR A 42 9.94 -10.48 -9.31
CA TYR A 42 10.94 -9.74 -8.53
C TYR A 42 10.68 -9.77 -7.01
N GLY A 43 11.77 -9.64 -6.24
CA GLY A 43 11.78 -9.64 -4.78
C GLY A 43 11.65 -10.99 -4.10
N ILE A 44 11.32 -10.94 -2.81
CA ILE A 44 11.13 -12.09 -1.92
C ILE A 44 9.97 -12.99 -2.36
N THR A 45 8.92 -12.41 -2.96
CA THR A 45 7.74 -13.13 -3.45
C THR A 45 8.16 -14.05 -4.60
N SER A 46 8.97 -13.50 -5.54
CA SER A 46 9.55 -14.22 -6.67
C SER A 46 10.38 -15.41 -6.17
N ARG A 47 11.24 -15.16 -5.17
CA ARG A 47 12.08 -16.14 -4.52
C ARG A 47 11.23 -17.26 -3.93
N ALA A 48 10.12 -16.90 -3.21
CA ALA A 48 9.17 -17.84 -2.57
C ALA A 48 8.53 -18.79 -3.58
N VAL A 49 8.19 -18.28 -4.79
CA VAL A 49 7.61 -19.10 -5.87
C VAL A 49 8.66 -20.13 -6.30
N LYS A 50 9.89 -19.64 -6.56
CA LYS A 50 11.02 -20.47 -6.98
C LYS A 50 11.35 -21.52 -5.90
N GLN A 51 11.43 -21.11 -4.63
CA GLN A 51 11.71 -21.98 -3.48
C GLN A 51 10.59 -23.03 -3.25
N GLY A 52 9.46 -22.88 -3.94
CA GLY A 52 8.31 -23.77 -3.81
C GLY A 52 7.46 -23.46 -2.59
N LEU A 53 7.86 -22.44 -1.83
CA LEU A 53 7.24 -21.95 -0.61
C LEU A 53 5.86 -21.32 -0.81
N LEU A 54 5.60 -20.74 -1.99
CA LEU A 54 4.39 -19.97 -2.25
C LEU A 54 3.91 -20.11 -3.68
N THR A 55 2.63 -20.53 -3.88
CA THR A 55 2.00 -20.67 -5.20
C THR A 55 1.15 -19.43 -5.47
N LEU A 56 1.34 -18.82 -6.67
CA LEU A 56 0.67 -17.60 -7.07
C LEU A 56 0.03 -17.81 -8.42
N THR A 57 -1.30 -17.70 -8.47
CA THR A 57 -2.11 -17.91 -9.66
C THR A 57 -3.00 -16.69 -9.90
N CYS A 58 -3.39 -16.45 -11.17
CA CYS A 58 -4.32 -15.39 -11.55
C CYS A 58 -5.51 -15.96 -12.24
N TRP A 59 -6.64 -15.24 -12.15
CA TRP A 59 -7.94 -15.66 -12.66
C TRP A 59 -8.64 -14.43 -13.20
N ASN A 60 -8.54 -14.20 -14.52
CA ASN A 60 -9.15 -13.02 -15.14
C ASN A 60 -10.64 -13.27 -15.27
N PRO A 61 -11.51 -12.44 -14.64
CA PRO A 61 -12.96 -12.68 -14.79
C PRO A 61 -13.45 -12.48 -16.22
N ARG A 62 -12.72 -11.72 -17.07
CA ARG A 62 -13.05 -11.55 -18.51
C ARG A 62 -13.36 -12.88 -19.25
N VAL A 63 -12.62 -13.97 -18.91
CA VAL A 63 -12.73 -15.31 -19.51
C VAL A 63 -13.92 -16.17 -18.95
N TYR A 64 -14.57 -15.73 -17.86
CA TYR A 64 -15.66 -16.49 -17.23
C TYR A 64 -17.01 -15.92 -17.55
N THR A 65 -17.04 -15.04 -18.56
CA THR A 65 -18.28 -14.47 -19.08
C THR A 65 -19.02 -15.62 -19.88
N GLU A 66 -20.19 -15.36 -20.49
CA GLU A 66 -20.87 -16.42 -21.25
C GLU A 66 -20.41 -16.53 -22.72
N ASP A 67 -20.40 -15.38 -23.45
CA ASP A 67 -20.01 -15.28 -24.87
C ASP A 67 -18.72 -14.44 -25.03
N ARG A 68 -18.73 -13.51 -26.02
CA ARG A 68 -17.68 -12.53 -26.35
C ARG A 68 -18.23 -11.11 -26.20
N HIS A 69 -19.54 -10.96 -26.48
CA HIS A 69 -20.28 -9.72 -26.32
C HIS A 69 -20.55 -9.55 -24.83
N GLN A 70 -20.39 -10.66 -24.08
CA GLN A 70 -20.50 -10.75 -22.64
C GLN A 70 -19.25 -10.08 -22.04
N THR A 71 -19.42 -8.83 -21.59
CA THR A 71 -18.41 -7.99 -20.95
C THR A 71 -18.28 -8.46 -19.49
N VAL A 72 -17.09 -8.32 -18.88
CA VAL A 72 -16.82 -8.69 -17.47
C VAL A 72 -17.57 -7.75 -16.50
N ASP A 73 -17.75 -6.50 -16.94
CA ASP A 73 -18.43 -5.41 -16.26
C ASP A 73 -19.69 -5.02 -17.03
N ASP A 74 -20.45 -4.07 -16.48
CA ASP A 74 -21.69 -3.56 -17.07
C ASP A 74 -22.04 -2.19 -16.46
N ARG A 75 -23.00 -1.47 -17.07
CA ARG A 75 -23.44 -0.16 -16.60
C ARG A 75 -24.12 -0.22 -15.20
N PRO A 76 -23.98 0.85 -14.38
CA PRO A 76 -24.57 0.81 -13.02
C PRO A 76 -26.06 1.07 -12.98
N PHE A 77 -26.79 0.35 -12.11
CA PHE A 77 -28.22 0.54 -11.89
C PHE A 77 -28.47 1.89 -11.21
N GLY A 78 -29.48 2.61 -11.69
CA GLY A 78 -29.82 3.93 -11.18
C GLY A 78 -28.99 5.03 -11.81
N GLY A 79 -28.37 4.71 -12.96
CA GLY A 79 -27.51 5.61 -13.72
C GLY A 79 -26.17 5.84 -13.06
N GLY A 80 -25.53 6.94 -13.45
CA GLY A 80 -24.23 7.31 -12.90
C GLY A 80 -23.06 6.96 -13.81
N PRO A 81 -21.88 7.60 -13.58
CA PRO A 81 -20.72 7.29 -14.42
C PRO A 81 -20.00 6.00 -13.99
N GLY A 82 -19.15 5.50 -14.87
CA GLY A 82 -18.36 4.30 -14.63
C GLY A 82 -19.11 3.01 -14.89
N MET A 83 -18.47 1.89 -14.53
CA MET A 83 -19.02 0.54 -14.72
C MET A 83 -18.87 -0.26 -13.42
N VAL A 84 -19.68 -1.32 -13.27
CA VAL A 84 -19.67 -2.17 -12.09
C VAL A 84 -19.34 -3.57 -12.57
N MET A 85 -18.58 -4.33 -11.80
CA MET A 85 -18.24 -5.68 -12.20
C MET A 85 -19.41 -6.67 -11.97
N LYS A 86 -19.88 -7.32 -13.07
CA LYS A 86 -20.95 -8.31 -13.11
C LYS A 86 -20.66 -9.50 -12.19
N ILE A 87 -21.68 -9.99 -11.47
CA ILE A 87 -21.61 -11.09 -10.52
C ILE A 87 -21.11 -12.40 -11.15
N LYS A 88 -21.69 -12.77 -12.31
CA LYS A 88 -21.41 -14.04 -12.99
C LYS A 88 -19.89 -14.25 -13.31
N PRO A 89 -19.20 -13.34 -14.08
CA PRO A 89 -17.75 -13.53 -14.31
C PRO A 89 -16.95 -13.76 -13.02
N LEU A 90 -17.22 -12.94 -11.96
CA LEU A 90 -16.58 -13.05 -10.65
C LEU A 90 -16.84 -14.38 -9.99
N GLU A 91 -18.08 -14.85 -10.08
CA GLU A 91 -18.47 -16.16 -9.54
C GLU A 91 -17.73 -17.30 -10.23
N GLY A 92 -17.59 -17.20 -11.57
CA GLY A 92 -16.86 -18.15 -12.42
C GLY A 92 -15.40 -18.25 -12.03
N ALA A 93 -14.71 -17.06 -11.99
CA ALA A 93 -13.31 -16.95 -11.58
C ALA A 93 -13.06 -17.47 -10.16
N LEU A 94 -13.98 -17.18 -9.22
CA LEU A 94 -13.86 -17.64 -7.84
C LEU A 94 -14.04 -19.15 -7.70
N ALA A 95 -15.07 -19.69 -8.37
CA ALA A 95 -15.33 -21.13 -8.35
C ALA A 95 -14.11 -21.90 -8.90
N ASP A 96 -13.55 -21.43 -10.05
CA ASP A 96 -12.37 -21.99 -10.68
C ASP A 96 -11.17 -22.00 -9.73
N ALA A 97 -10.89 -20.82 -9.10
CA ALA A 97 -9.79 -20.66 -8.13
C ALA A 97 -9.99 -21.57 -6.92
N ARG A 98 -11.26 -21.71 -6.46
CA ARG A 98 -11.61 -22.60 -5.34
C ARG A 98 -11.23 -24.02 -5.65
N GLN A 99 -11.58 -24.45 -6.87
CA GLN A 99 -11.28 -25.78 -7.38
C GLN A 99 -9.77 -25.99 -7.40
N ALA A 100 -9.02 -25.06 -8.04
CA ALA A 100 -7.55 -25.14 -8.12
C ALA A 100 -6.84 -25.16 -6.76
N ALA A 101 -7.46 -24.56 -5.74
CA ALA A 101 -6.93 -24.53 -4.37
C ALA A 101 -6.92 -25.92 -3.74
N GLY A 102 -7.71 -26.83 -4.33
CA GLY A 102 -7.86 -28.20 -3.88
C GLY A 102 -8.65 -28.32 -2.59
N GLY A 103 -8.09 -29.06 -1.64
CA GLY A 103 -8.69 -29.28 -0.33
C GLY A 103 -8.27 -28.28 0.73
N ARG A 104 -7.66 -27.18 0.29
CA ARG A 104 -7.20 -26.12 1.17
C ARG A 104 -8.37 -25.23 1.62
N LYS A 105 -8.31 -24.82 2.90
CA LYS A 105 -9.26 -23.92 3.54
C LYS A 105 -8.93 -22.51 2.99
N ALA A 106 -9.74 -22.04 2.02
CA ALA A 106 -9.53 -20.78 1.30
C ALA A 106 -10.34 -19.59 1.81
N LYS A 107 -9.62 -18.57 2.31
CA LYS A 107 -10.23 -17.32 2.79
C LYS A 107 -10.33 -16.36 1.59
N VAL A 108 -11.53 -15.81 1.35
CA VAL A 108 -11.78 -14.90 0.25
C VAL A 108 -11.76 -13.46 0.75
N ILE A 109 -10.74 -12.68 0.31
CA ILE A 109 -10.52 -11.27 0.67
C ILE A 109 -10.86 -10.33 -0.49
N TYR A 110 -11.69 -9.32 -0.24
CA TYR A 110 -11.96 -8.28 -1.22
C TYR A 110 -11.07 -7.08 -0.80
N LEU A 111 -10.18 -6.61 -1.72
CA LEU A 111 -9.33 -5.44 -1.49
C LEU A 111 -10.22 -4.23 -1.73
N SER A 112 -10.54 -3.50 -0.65
CA SER A 112 -11.51 -2.40 -0.71
C SER A 112 -11.14 -1.21 0.15
N PRO A 113 -11.45 0.06 -0.28
CA PRO A 113 -11.22 1.21 0.61
C PRO A 113 -12.12 1.15 1.87
N GLN A 114 -13.25 0.44 1.77
CA GLN A 114 -14.24 0.21 2.85
C GLN A 114 -13.78 -0.85 3.87
N GLY A 115 -12.71 -1.57 3.57
CA GLY A 115 -12.22 -2.64 4.43
C GLY A 115 -11.47 -2.19 5.67
N ARG A 116 -11.20 -3.18 6.54
CA ARG A 116 -10.44 -3.03 7.76
C ARG A 116 -8.99 -2.75 7.36
N GLN A 117 -8.44 -1.67 7.91
CA GLN A 117 -7.08 -1.24 7.70
C GLN A 117 -6.09 -2.35 8.00
N LEU A 118 -5.21 -2.62 7.03
CA LEU A 118 -4.18 -3.62 7.20
C LEU A 118 -3.13 -3.10 8.20
N THR A 119 -2.67 -4.00 9.11
CA THR A 119 -1.67 -3.75 10.15
C THR A 119 -0.89 -5.03 10.27
N GLN A 120 0.32 -4.99 10.83
CA GLN A 120 1.12 -6.19 10.96
C GLN A 120 0.40 -7.35 11.67
N ALA A 121 -0.50 -7.03 12.62
CA ALA A 121 -1.31 -8.01 13.34
C ALA A 121 -2.21 -8.73 12.32
N GLY A 122 -2.88 -7.98 11.43
CA GLY A 122 -3.71 -8.54 10.37
C GLY A 122 -2.92 -9.42 9.41
N VAL A 123 -1.68 -9.00 9.06
CA VAL A 123 -0.77 -9.74 8.19
C VAL A 123 -0.44 -11.12 8.82
N ARG A 124 -0.13 -11.14 10.13
CA ARG A 124 0.14 -12.35 10.93
C ARG A 124 -1.05 -13.28 10.87
N GLU A 125 -2.30 -12.72 10.98
CA GLU A 125 -3.55 -13.48 10.90
C GLU A 125 -3.67 -14.16 9.54
N LEU A 126 -3.48 -13.40 8.43
CA LEU A 126 -3.55 -13.90 7.06
C LEU A 126 -2.43 -14.92 6.73
N ALA A 127 -1.27 -14.76 7.35
CA ALA A 127 -0.14 -15.66 7.17
C ALA A 127 -0.43 -17.10 7.68
N GLU A 128 -1.34 -17.22 8.66
CA GLU A 128 -1.76 -18.49 9.26
C GLU A 128 -2.64 -19.29 8.29
N GLU A 129 -3.15 -18.65 7.22
CA GLU A 129 -4.01 -19.29 6.23
C GLU A 129 -3.25 -20.18 5.27
N GLU A 130 -3.91 -21.25 4.81
CA GLU A 130 -3.31 -22.19 3.87
C GLU A 130 -3.57 -21.77 2.44
N ALA A 131 -4.72 -21.09 2.20
CA ALA A 131 -5.07 -20.59 0.89
C ALA A 131 -5.78 -19.24 0.97
N LEU A 132 -5.43 -18.32 0.04
CA LEU A 132 -6.03 -16.98 -0.01
C LEU A 132 -6.49 -16.65 -1.40
N ILE A 133 -7.72 -16.14 -1.54
CA ILE A 133 -8.26 -15.74 -2.82
C ILE A 133 -8.59 -14.26 -2.75
N LEU A 134 -7.76 -13.44 -3.42
CA LEU A 134 -7.87 -11.99 -3.39
C LEU A 134 -8.61 -11.42 -4.56
N ILE A 135 -9.65 -10.64 -4.28
CA ILE A 135 -10.45 -9.98 -5.29
C ILE A 135 -9.99 -8.53 -5.42
N ALA A 136 -9.54 -8.17 -6.61
CA ALA A 136 -9.09 -6.81 -6.88
C ALA A 136 -10.05 -6.25 -7.91
N GLY A 137 -10.94 -5.40 -7.46
CA GLY A 137 -11.91 -4.72 -8.31
C GLY A 137 -11.35 -3.37 -8.76
N ARG A 138 -12.04 -2.66 -9.67
CA ARG A 138 -11.48 -1.37 -10.12
C ARG A 138 -12.16 -0.15 -9.43
N TYR A 139 -12.21 1.02 -10.09
CA TYR A 139 -12.75 2.25 -9.50
C TYR A 139 -14.25 2.22 -9.21
N GLU A 140 -15.08 1.69 -10.11
CA GLU A 140 -16.49 1.75 -9.78
C GLU A 140 -17.04 0.45 -9.14
N GLY A 141 -16.14 -0.31 -8.54
CA GLY A 141 -16.37 -1.50 -7.73
C GLY A 141 -17.16 -2.65 -8.28
N ILE A 142 -17.34 -3.66 -7.44
CA ILE A 142 -18.06 -4.87 -7.80
C ILE A 142 -19.52 -4.78 -7.30
N ASP A 143 -20.39 -5.74 -7.68
CA ASP A 143 -21.80 -5.76 -7.27
C ASP A 143 -21.91 -6.31 -5.87
N GLU A 144 -22.57 -5.52 -4.99
CA GLU A 144 -22.80 -5.76 -3.56
C GLU A 144 -23.22 -7.18 -3.20
N ARG A 145 -24.05 -7.81 -4.06
CA ARG A 145 -24.53 -9.16 -3.85
C ARG A 145 -23.42 -10.19 -3.91
N PHE A 146 -22.36 -9.90 -4.71
CA PHE A 146 -21.20 -10.78 -4.84
C PHE A 146 -20.47 -10.80 -3.51
N ILE A 147 -20.26 -9.58 -2.94
CA ILE A 147 -19.59 -9.38 -1.64
C ILE A 147 -20.34 -10.12 -0.54
N GLU A 148 -21.66 -9.79 -0.41
CA GLU A 148 -22.63 -10.38 0.53
C GLU A 148 -22.57 -11.91 0.47
N GLU A 149 -22.54 -12.48 -0.75
CA GLU A 149 -22.55 -13.92 -0.89
C GLU A 149 -21.20 -14.59 -0.72
N HIS A 150 -20.13 -14.06 -1.35
CA HIS A 150 -18.85 -14.77 -1.42
C HIS A 150 -17.67 -14.26 -0.61
N VAL A 151 -17.61 -12.96 -0.31
CA VAL A 151 -16.46 -12.38 0.41
C VAL A 151 -16.49 -12.70 1.91
N ASP A 152 -15.33 -13.12 2.46
CA ASP A 152 -15.13 -13.41 3.89
C ASP A 152 -14.67 -12.14 4.63
N GLU A 153 -13.61 -11.50 4.13
CA GLU A 153 -13.05 -10.31 4.75
C GLU A 153 -12.80 -9.22 3.73
N GLU A 154 -12.93 -7.94 4.14
CA GLU A 154 -12.61 -6.80 3.32
C GLU A 154 -11.40 -6.11 3.94
N TRP A 155 -10.37 -5.77 3.13
CA TRP A 155 -9.20 -5.09 3.67
C TRP A 155 -8.82 -3.88 2.85
N SER A 156 -8.39 -2.85 3.55
CA SER A 156 -7.88 -1.60 2.98
C SER A 156 -6.39 -1.53 3.34
N ILE A 157 -5.59 -0.87 2.50
CA ILE A 157 -4.17 -0.72 2.84
C ILE A 157 -3.85 0.68 3.44
N GLY A 158 -4.84 1.60 3.44
CA GLY A 158 -4.66 2.94 3.96
C GLY A 158 -5.70 3.95 3.53
N ASP A 159 -5.80 5.07 4.26
CA ASP A 159 -6.82 6.09 4.02
C ASP A 159 -6.40 7.12 2.97
N TYR A 160 -6.23 6.60 1.78
CA TYR A 160 -5.88 7.37 0.59
C TYR A 160 -6.57 6.69 -0.59
N VAL A 161 -6.87 7.45 -1.65
CA VAL A 161 -7.58 6.92 -2.81
C VAL A 161 -6.62 6.43 -3.92
N LEU A 162 -6.78 5.15 -4.28
CA LEU A 162 -6.07 4.52 -5.38
C LEU A 162 -7.14 4.30 -6.48
N SER A 163 -6.72 3.93 -7.70
CA SER A 163 -7.67 3.74 -8.80
C SER A 163 -8.06 2.25 -9.00
N GLY A 164 -7.61 1.36 -8.11
CA GLY A 164 -7.96 -0.05 -8.14
C GLY A 164 -7.35 -0.81 -6.97
N GLY A 165 -7.51 -2.15 -6.98
CA GLY A 165 -7.02 -3.01 -5.91
C GLY A 165 -5.92 -3.98 -6.23
N GLU A 166 -5.18 -3.78 -7.34
CA GLU A 166 -4.06 -4.65 -7.73
C GLU A 166 -2.80 -4.33 -6.92
N LEU A 167 -2.47 -3.02 -6.80
CA LEU A 167 -1.37 -2.63 -5.95
C LEU A 167 -1.66 -3.03 -4.49
N PRO A 168 -2.87 -2.76 -3.91
CA PRO A 168 -3.15 -3.27 -2.55
C PRO A 168 -3.07 -4.79 -2.45
N ALA A 169 -3.46 -5.54 -3.52
CA ALA A 169 -3.29 -7.02 -3.50
C ALA A 169 -1.81 -7.41 -3.46
N MET A 170 -0.96 -6.74 -4.23
CA MET A 170 0.47 -7.06 -4.22
C MET A 170 1.13 -6.71 -2.89
N VAL A 171 0.69 -5.62 -2.26
CA VAL A 171 1.12 -5.16 -0.94
C VAL A 171 0.79 -6.24 0.09
N LEU A 172 -0.46 -6.77 0.03
CA LEU A 172 -0.89 -7.84 0.91
C LEU A 172 -0.04 -9.09 0.70
N VAL A 173 0.11 -9.53 -0.57
CA VAL A 173 0.94 -10.71 -0.85
C VAL A 173 2.41 -10.50 -0.39
N ASP A 174 3.01 -9.29 -0.64
CA ASP A 174 4.38 -9.01 -0.19
C ASP A 174 4.55 -9.09 1.33
N ALA A 175 3.65 -8.43 2.10
CA ALA A 175 3.65 -8.41 3.57
C ALA A 175 3.54 -9.85 4.14
N VAL A 176 2.64 -10.67 3.58
CA VAL A 176 2.38 -12.01 4.07
C VAL A 176 3.56 -12.93 3.78
N THR A 177 4.09 -12.93 2.54
CA THR A 177 5.24 -13.73 2.11
C THR A 177 6.42 -13.58 3.08
N ARG A 178 6.71 -12.33 3.52
CA ARG A 178 7.77 -12.04 4.50
C ARG A 178 7.69 -12.95 5.73
N LEU A 179 6.48 -13.38 6.13
CA LEU A 179 6.26 -14.21 7.31
C LEU A 179 6.35 -15.71 7.04
N LEU A 180 6.37 -16.13 5.76
CA LEU A 180 6.48 -17.54 5.41
C LEU A 180 7.84 -18.11 5.85
N PRO A 181 7.84 -19.27 6.55
CA PRO A 181 9.12 -19.82 7.05
C PRO A 181 10.13 -20.17 5.95
N GLY A 182 11.29 -19.53 6.04
CA GLY A 182 12.37 -19.70 5.08
C GLY A 182 12.37 -18.69 3.95
N ALA A 183 11.41 -17.73 3.97
CA ALA A 183 11.32 -16.69 2.93
C ALA A 183 12.39 -15.62 3.17
N LEU A 184 12.66 -15.29 4.45
CA LEU A 184 13.67 -14.31 4.85
C LEU A 184 15.03 -14.97 4.97
N THR A 196 6.45 -4.36 14.49
CA THR A 196 6.63 -5.72 14.98
C THR A 196 6.21 -5.81 16.47
N ASP A 197 6.95 -5.08 17.35
CA ASP A 197 6.74 -4.96 18.80
C ASP A 197 5.86 -3.74 19.12
N GLY A 198 5.40 -3.06 18.08
CA GLY A 198 4.59 -1.85 18.17
C GLY A 198 5.45 -0.62 18.22
N LEU A 199 6.74 -0.80 17.84
CA LEU A 199 7.77 0.24 17.83
C LEU A 199 8.43 0.34 16.49
N LEU A 200 8.79 1.59 16.08
CA LEU A 200 9.57 1.89 14.88
C LEU A 200 10.96 1.25 15.01
N ASP A 201 11.69 1.12 13.91
CA ASP A 201 13.05 0.56 13.96
C ASP A 201 14.05 1.63 14.41
N CYS A 202 15.21 1.16 14.89
CA CYS A 202 16.37 1.95 15.28
C CYS A 202 17.10 2.37 13.97
N PRO A 203 18.01 3.38 13.95
CA PRO A 203 18.74 3.67 12.70
C PRO A 203 19.71 2.55 12.31
N HIS A 204 20.01 2.45 11.02
CA HIS A 204 20.95 1.47 10.50
C HIS A 204 22.15 2.20 9.97
N TYR A 205 23.29 1.55 10.11
CA TYR A 205 24.57 2.08 9.71
C TYR A 205 25.45 1.02 9.02
N THR A 206 26.13 1.44 7.97
CA THR A 206 27.05 0.53 7.26
C THR A 206 28.30 1.27 6.86
N ARG A 207 29.34 0.53 6.36
CA ARG A 207 30.62 1.12 5.95
C ARG A 207 30.47 2.27 4.92
N PRO A 208 31.24 3.37 5.00
CA PRO A 208 32.39 3.65 5.89
C PRO A 208 31.99 4.09 7.30
N GLU A 209 32.92 4.08 8.26
CA GLU A 209 32.70 4.54 9.64
C GLU A 209 32.49 6.07 9.62
N VAL A 210 33.08 6.77 8.63
CA VAL A 210 32.92 8.20 8.46
C VAL A 210 32.53 8.49 7.02
N TYR A 211 31.45 9.23 6.84
CA TYR A 211 30.99 9.64 5.53
C TYR A 211 30.53 11.08 5.64
N ALA A 212 31.09 11.95 4.77
CA ALA A 212 30.77 13.39 4.71
C ALA A 212 30.65 14.07 6.10
N ASP A 213 31.68 13.85 6.95
CA ASP A 213 31.84 14.39 8.30
C ASP A 213 30.77 13.86 9.30
N LYS A 214 30.28 12.61 9.09
CA LYS A 214 29.28 11.97 9.95
C LYS A 214 29.77 10.58 10.33
N ARG A 215 29.92 10.33 11.64
CA ARG A 215 30.44 9.07 12.15
C ARG A 215 29.38 8.15 12.73
N VAL A 216 29.57 6.84 12.59
CA VAL A 216 28.72 5.80 13.14
C VAL A 216 28.80 5.84 14.69
N PRO A 217 27.64 5.88 15.43
CA PRO A 217 27.69 5.87 16.92
C PRO A 217 28.67 4.84 17.45
N GLU A 218 29.57 5.29 18.36
CA GLU A 218 30.63 4.46 18.88
C GLU A 218 30.13 3.18 19.50
N VAL A 219 28.96 3.21 20.17
CA VAL A 219 28.36 2.01 20.75
C VAL A 219 28.32 0.84 19.75
N LEU A 220 27.97 1.13 18.48
CA LEU A 220 27.87 0.14 17.40
C LEU A 220 29.23 -0.38 16.96
N LEU A 221 30.23 0.53 16.85
CA LEU A 221 31.60 0.18 16.47
C LEU A 221 32.30 -0.60 17.58
N SER A 222 32.26 -0.06 18.81
CA SER A 222 32.93 -0.57 20.00
C SER A 222 31.94 -0.76 21.12
N GLY A 223 31.42 -1.97 21.26
CA GLY A 223 30.43 -2.24 22.28
C GLY A 223 30.01 -3.69 22.34
N ASN A 224 29.51 -4.09 23.52
CA ASN A 224 29.03 -5.45 23.76
C ASN A 224 27.54 -5.50 23.42
N HIS A 225 26.98 -6.73 23.31
N HIS A 225 26.98 -6.73 23.31
CA HIS A 225 25.59 -6.99 22.97
CA HIS A 225 25.57 -6.99 23.00
C HIS A 225 24.57 -6.22 23.85
C HIS A 225 24.61 -6.14 23.84
N GLU A 226 24.85 -6.06 25.16
CA GLU A 226 23.97 -5.31 26.08
C GLU A 226 23.99 -3.78 25.88
N HIS A 227 25.12 -3.20 25.41
CA HIS A 227 25.22 -1.76 25.15
C HIS A 227 24.35 -1.48 23.93
N ILE A 228 24.67 -2.18 22.84
CA ILE A 228 24.04 -2.12 21.54
C ILE A 228 22.53 -2.36 21.65
N ARG A 229 22.12 -3.46 22.32
CA ARG A 229 20.69 -3.76 22.42
C ARG A 229 19.95 -2.69 23.25
N ARG A 230 20.59 -2.12 24.28
CA ARG A 230 19.96 -1.05 25.03
C ARG A 230 19.89 0.23 24.17
N TRP A 231 20.97 0.53 23.40
CA TRP A 231 21.03 1.69 22.49
C TRP A 231 19.95 1.58 21.37
N ARG A 232 19.86 0.41 20.74
CA ARG A 232 18.88 0.10 19.70
C ARG A 232 17.48 0.26 20.25
N LEU A 233 17.21 -0.33 21.44
CA LEU A 233 15.90 -0.22 22.15
C LEU A 233 15.53 1.24 22.45
N GLN A 234 16.52 2.05 22.85
CA GLN A 234 16.32 3.46 23.18
C GLN A 234 16.06 4.30 21.94
N GLN A 235 16.84 4.07 20.86
CA GLN A 235 16.63 4.75 19.58
C GLN A 235 15.27 4.38 18.98
N ALA A 236 14.86 3.09 19.11
CA ALA A 236 13.55 2.62 18.64
C ALA A 236 12.44 3.27 19.48
N LEU A 237 12.60 3.33 20.80
CA LEU A 237 11.60 3.97 21.66
C LEU A 237 11.51 5.46 21.39
N GLY A 238 12.69 6.08 21.26
CA GLY A 238 12.85 7.49 20.98
C GLY A 238 12.25 7.96 19.68
N ARG A 239 12.58 7.23 18.57
CA ARG A 239 12.03 7.57 17.25
C ARG A 239 10.51 7.38 17.24
N THR A 240 10.00 6.28 17.87
CA THR A 240 8.56 6.06 18.00
C THR A 240 7.89 7.24 18.74
N TRP A 241 8.43 7.65 19.90
CA TRP A 241 7.94 8.78 20.66
C TRP A 241 7.90 10.04 19.80
N GLU A 242 8.96 10.29 19.05
CA GLU A 242 9.07 11.48 18.21
C GLU A 242 8.08 11.54 17.08
N ARG A 243 7.92 10.44 16.33
CA ARG A 243 7.11 10.42 15.10
C ARG A 243 5.72 9.79 15.19
N ARG A 244 5.58 8.74 15.98
CA ARG A 244 4.33 7.99 16.07
C ARG A 244 4.00 7.71 17.51
N ALA A 245 3.74 8.79 18.26
CA ALA A 245 3.42 8.70 19.70
C ALA A 245 2.15 7.86 19.99
N ASP A 246 1.19 7.84 19.03
CA ASP A 246 -0.04 7.03 19.05
C ASP A 246 0.24 5.53 19.29
N LEU A 247 1.35 5.01 18.72
CA LEU A 247 1.78 3.62 18.89
C LEU A 247 2.21 3.33 20.32
N LEU A 248 2.43 4.39 21.13
CA LEU A 248 2.82 4.28 22.54
C LEU A 248 1.62 4.30 23.48
N ASP A 249 0.50 4.95 23.07
CA ASP A 249 -0.72 5.05 23.86
C ASP A 249 -1.37 3.68 24.00
N SER A 250 -1.34 2.88 22.91
CA SER A 250 -1.85 1.51 22.84
C SER A 250 -0.95 0.52 23.63
N ARG A 251 0.36 0.75 23.56
CA ARG A 251 1.40 -0.06 24.18
C ARG A 251 1.68 0.37 25.62
N SER A 252 1.98 -0.61 26.49
CA SER A 252 2.39 -0.31 27.85
C SER A 252 3.91 -0.50 27.98
N LEU A 253 4.57 0.56 28.49
CA LEU A 253 6.02 0.62 28.63
C LEU A 253 6.56 -0.05 29.88
N SER A 254 7.58 -0.90 29.71
CA SER A 254 8.27 -1.59 30.79
C SER A 254 9.09 -0.61 31.70
N GLY A 255 9.84 -1.17 32.63
CA GLY A 255 10.66 -0.41 33.55
C GLY A 255 11.84 0.17 32.82
N GLU A 256 12.52 -0.72 32.06
CA GLU A 256 13.67 -0.37 31.22
C GLU A 256 13.26 0.61 30.09
N GLU A 257 12.11 0.36 29.46
CA GLU A 257 11.63 1.20 28.37
C GLU A 257 11.32 2.60 28.81
N GLN A 258 10.60 2.76 29.96
CA GLN A 258 10.24 4.06 30.51
C GLN A 258 11.52 4.83 30.85
N LYS A 259 12.50 4.14 31.45
CA LYS A 259 13.77 4.75 31.81
C LYS A 259 14.53 5.18 30.58
N LEU A 260 14.74 4.25 29.63
CA LEU A 260 15.44 4.49 28.34
C LEU A 260 14.76 5.58 27.52
N LEU A 261 13.43 5.66 27.59
CA LEU A 261 12.73 6.71 26.87
C LEU A 261 12.91 8.06 27.51
N ALA A 262 12.82 8.13 28.83
CA ALA A 262 12.96 9.38 29.57
C ALA A 262 14.37 9.94 29.32
N GLU A 263 15.36 9.07 29.42
CA GLU A 263 16.77 9.32 29.16
C GLU A 263 16.94 9.85 27.69
N TYR A 264 16.27 9.23 26.72
CA TYR A 264 16.32 9.68 25.35
C TYR A 264 15.77 11.09 25.21
N ILE A 265 14.57 11.35 25.75
CA ILE A 265 13.87 12.63 25.65
C ILE A 265 14.69 13.76 26.24
N ARG A 266 15.31 13.51 27.42
N ARG A 266 15.32 13.50 27.41
CA ARG A 266 16.09 14.46 28.19
CA ARG A 266 16.15 14.41 28.20
C ARG A 266 17.52 14.69 27.63
C ARG A 266 17.49 14.73 27.54
N GLN A 267 18.01 13.79 26.76
CA GLN A 267 19.33 13.85 26.09
C GLN A 267 19.26 14.24 24.61
N ARG A 268 18.12 14.85 24.17
CA ARG A 268 17.88 15.35 22.81
C ARG A 268 18.60 16.68 22.65
N GLN B 21 6.81 21.65 -18.95
CA GLN B 21 6.02 20.82 -19.86
C GLN B 21 5.00 19.95 -19.10
N SER B 22 5.42 18.76 -18.55
CA SER B 22 4.57 17.86 -17.78
C SER B 22 4.22 18.46 -16.42
N MET B 23 3.02 18.16 -15.92
CA MET B 23 2.51 18.63 -14.63
C MET B 23 3.35 18.13 -13.48
N LEU B 24 3.76 16.84 -13.53
CA LEU B 24 4.56 16.20 -12.52
C LEU B 24 5.66 15.31 -13.07
N TRP B 25 6.88 15.53 -12.56
CA TRP B 25 8.07 14.76 -12.88
C TRP B 25 8.33 13.83 -11.69
N VAL B 26 8.53 12.52 -11.93
CA VAL B 26 8.78 11.56 -10.87
C VAL B 26 10.00 10.72 -11.22
N GLY B 27 11.01 10.79 -10.36
CA GLY B 27 12.21 9.96 -10.46
C GLY B 27 12.19 8.93 -9.36
N VAL B 28 12.28 7.65 -9.70
CA VAL B 28 12.27 6.58 -8.71
C VAL B 28 13.66 5.95 -8.64
N VAL B 29 14.25 5.88 -7.43
CA VAL B 29 15.53 5.23 -7.14
C VAL B 29 15.22 3.85 -6.55
N SER B 30 15.43 2.77 -7.32
CA SER B 30 15.14 1.41 -6.88
C SER B 30 16.04 0.39 -7.59
N ILE B 31 16.36 -0.75 -6.95
CA ILE B 31 17.17 -1.79 -7.58
C ILE B 31 16.34 -2.70 -8.55
N PHE B 32 15.01 -2.47 -8.63
CA PHE B 32 14.08 -3.23 -9.46
C PHE B 32 13.28 -2.25 -10.33
N PRO B 33 13.94 -1.55 -11.29
CA PRO B 33 13.20 -0.59 -12.12
C PRO B 33 12.02 -1.22 -12.88
N GLU B 34 12.15 -2.50 -13.24
CA GLU B 34 11.17 -3.21 -14.04
C GLU B 34 9.87 -3.56 -13.28
N MET B 35 9.86 -3.37 -11.94
CA MET B 35 8.65 -3.58 -11.16
C MET B 35 7.65 -2.47 -11.44
N PHE B 36 8.13 -1.29 -11.86
CA PHE B 36 7.33 -0.10 -12.16
C PHE B 36 6.52 -0.19 -13.44
N ARG B 37 6.53 -1.35 -14.13
CA ARG B 37 5.70 -1.54 -15.32
C ARG B 37 4.25 -1.55 -14.89
N ALA B 38 3.98 -2.05 -13.66
CA ALA B 38 2.65 -2.08 -13.04
C ALA B 38 2.00 -0.68 -13.06
N ILE B 39 2.80 0.40 -13.04
CA ILE B 39 2.19 1.73 -13.09
C ILE B 39 2.43 2.43 -14.43
N SER B 40 3.54 2.14 -15.10
CA SER B 40 3.80 2.78 -16.41
C SER B 40 2.95 2.17 -17.53
N ASP B 41 2.65 0.86 -17.47
CA ASP B 41 1.83 0.16 -18.47
C ASP B 41 0.32 0.04 -18.17
N TYR B 42 -0.15 0.36 -16.92
CA TYR B 42 -1.56 0.17 -16.52
C TYR B 42 -2.15 1.37 -15.85
N GLY B 43 -3.46 1.43 -15.90
CA GLY B 43 -4.32 2.43 -15.29
C GLY B 43 -4.08 3.87 -15.65
N ILE B 44 -4.51 4.76 -14.78
CA ILE B 44 -4.46 6.22 -14.87
C ILE B 44 -3.03 6.76 -14.96
N THR B 45 -2.08 6.09 -14.31
CA THR B 45 -0.67 6.50 -14.32
C THR B 45 -0.11 6.30 -15.75
N SER B 46 -0.43 5.15 -16.39
CA SER B 46 -0.07 4.81 -17.76
C SER B 46 -0.61 5.88 -18.72
N ARG B 47 -1.89 6.23 -18.53
CA ARG B 47 -2.60 7.25 -19.28
C ARG B 47 -1.88 8.60 -19.16
N ALA B 48 -1.57 9.03 -17.91
CA ALA B 48 -0.89 10.31 -17.63
C ALA B 48 0.48 10.44 -18.36
N VAL B 49 1.22 9.34 -18.46
CA VAL B 49 2.50 9.26 -19.15
C VAL B 49 2.25 9.52 -20.63
N LYS B 50 1.27 8.78 -21.21
CA LYS B 50 0.86 8.92 -22.62
C LYS B 50 0.34 10.34 -22.90
N GLN B 51 -0.55 10.88 -22.03
CA GLN B 51 -1.12 12.23 -22.11
C GLN B 51 -0.03 13.32 -21.94
N GLY B 52 1.18 12.90 -21.55
CA GLY B 52 2.30 13.81 -21.27
C GLY B 52 2.18 14.56 -19.95
N LEU B 53 1.09 14.29 -19.20
CA LEU B 53 0.75 14.85 -17.88
C LEU B 53 1.75 14.50 -16.77
N LEU B 54 2.41 13.32 -16.89
CA LEU B 54 3.28 12.80 -15.84
C LEU B 54 4.49 12.07 -16.42
N THR B 55 5.71 12.47 -16.03
CA THR B 55 6.97 11.85 -16.47
C THR B 55 7.45 10.88 -15.38
N LEU B 56 7.83 9.69 -15.79
CA LEU B 56 8.24 8.62 -14.90
C LEU B 56 9.56 8.05 -15.34
N THR B 57 10.59 8.23 -14.50
CA THR B 57 11.96 7.77 -14.78
C THR B 57 12.44 6.88 -13.62
N CYS B 58 13.33 5.91 -13.93
CA CYS B 58 13.93 5.04 -12.92
C CYS B 58 15.44 5.21 -12.93
N TRP B 59 16.06 4.96 -11.77
CA TRP B 59 17.49 5.14 -11.51
C TRP B 59 17.96 3.99 -10.65
N ASN B 60 18.49 2.94 -11.29
CA ASN B 60 18.95 1.77 -10.57
C ASN B 60 20.28 2.08 -9.87
N PRO B 61 20.38 2.02 -8.52
CA PRO B 61 21.67 2.30 -7.87
C PRO B 61 22.74 1.26 -8.24
N ARG B 62 22.33 0.12 -8.85
CA ARG B 62 23.19 -0.99 -9.27
C ARG B 62 24.18 -0.62 -10.38
N VAL B 63 23.88 0.45 -11.13
CA VAL B 63 24.67 1.00 -12.25
C VAL B 63 25.75 1.89 -11.69
N TYR B 64 25.55 2.41 -10.48
CA TYR B 64 26.50 3.25 -9.76
C TYR B 64 27.41 2.42 -8.79
N THR B 65 27.60 1.10 -9.09
CA THR B 65 28.47 0.19 -8.32
C THR B 65 29.80 -0.01 -9.05
N GLU B 66 30.85 -0.29 -8.27
CA GLU B 66 32.21 -0.50 -8.78
C GLU B 66 32.41 -1.92 -9.32
N ASP B 67 32.25 -2.94 -8.44
CA ASP B 67 32.45 -4.37 -8.71
C ASP B 67 31.59 -4.97 -9.83
N ARG B 68 32.08 -6.12 -10.40
CA ARG B 68 31.47 -6.90 -11.49
C ARG B 68 30.27 -7.76 -11.06
N HIS B 69 29.94 -7.76 -9.75
CA HIS B 69 28.81 -8.51 -9.20
C HIS B 69 27.62 -7.60 -8.84
N GLN B 70 27.85 -6.27 -8.90
CA GLN B 70 26.88 -5.21 -8.61
C GLN B 70 26.19 -5.37 -7.24
N THR B 71 26.95 -5.14 -6.14
CA THR B 71 26.48 -5.22 -4.75
C THR B 71 26.10 -3.82 -4.28
N VAL B 72 24.87 -3.66 -3.76
CA VAL B 72 24.35 -2.37 -3.31
C VAL B 72 24.23 -2.32 -1.78
N ASP B 73 24.35 -3.49 -1.18
CA ASP B 73 24.24 -3.79 0.23
C ASP B 73 25.57 -4.19 0.89
N ASP B 74 25.80 -3.67 2.12
CA ASP B 74 26.95 -3.98 2.98
C ASP B 74 26.44 -4.43 4.38
N ARG B 75 27.30 -5.07 5.19
CA ARG B 75 26.94 -5.58 6.53
C ARG B 75 26.53 -4.47 7.50
N PRO B 76 25.62 -4.71 8.48
CA PRO B 76 25.29 -3.62 9.40
C PRO B 76 26.32 -3.48 10.54
N PHE B 77 26.69 -2.23 10.87
CA PHE B 77 27.57 -1.91 11.99
C PHE B 77 26.86 -2.24 13.31
N GLY B 78 27.59 -2.84 14.23
CA GLY B 78 27.04 -3.24 15.51
C GLY B 78 26.39 -4.60 15.47
N GLY B 79 26.67 -5.33 14.41
CA GLY B 79 26.12 -6.66 14.18
C GLY B 79 24.67 -6.62 13.73
N GLY B 80 24.00 -7.74 13.92
CA GLY B 80 22.60 -7.87 13.55
C GLY B 80 22.39 -8.56 12.21
N PRO B 81 21.17 -9.11 11.97
CA PRO B 81 20.93 -9.78 10.69
C PRO B 81 20.61 -8.80 9.57
N GLY B 82 20.70 -9.30 8.34
CA GLY B 82 20.43 -8.54 7.13
C GLY B 82 21.58 -7.69 6.66
N MET B 83 21.31 -6.84 5.67
CA MET B 83 22.27 -5.94 5.05
C MET B 83 21.66 -4.55 4.96
N VAL B 84 22.49 -3.53 4.78
CA VAL B 84 22.06 -2.12 4.70
C VAL B 84 22.50 -1.61 3.33
N MET B 85 21.74 -0.71 2.74
CA MET B 85 22.09 -0.12 1.46
C MET B 85 23.20 0.93 1.58
N LYS B 86 24.31 0.69 0.84
CA LYS B 86 25.52 1.54 0.74
C LYS B 86 25.21 2.95 0.27
N ILE B 87 25.79 3.96 0.96
CA ILE B 87 25.58 5.38 0.71
C ILE B 87 25.95 5.77 -0.73
N LYS B 88 27.13 5.34 -1.21
CA LYS B 88 27.65 5.73 -2.52
C LYS B 88 26.69 5.42 -3.70
N PRO B 89 26.27 4.12 -3.96
CA PRO B 89 25.33 3.86 -5.06
C PRO B 89 24.11 4.80 -5.05
N LEU B 90 23.48 4.96 -3.84
CA LEU B 90 22.32 5.84 -3.62
C LEU B 90 22.60 7.27 -3.94
N GLU B 91 23.77 7.75 -3.53
CA GLU B 91 24.22 9.12 -3.81
C GLU B 91 24.37 9.37 -5.31
N GLY B 92 24.93 8.37 -6.02
CA GLY B 92 25.12 8.41 -7.47
C GLY B 92 23.82 8.53 -8.22
N ALA B 93 22.91 7.59 -7.92
CA ALA B 93 21.55 7.55 -8.49
C ALA B 93 20.75 8.84 -8.19
N LEU B 94 20.87 9.40 -6.96
CA LEU B 94 20.17 10.61 -6.57
C LEU B 94 20.72 11.84 -7.29
N ALA B 95 22.05 11.94 -7.38
CA ALA B 95 22.70 13.08 -8.06
C ALA B 95 22.25 13.10 -9.54
N ASP B 96 22.28 11.91 -10.20
CA ASP B 96 21.84 11.72 -11.58
C ASP B 96 20.39 12.15 -11.80
N ALA B 97 19.48 11.65 -10.92
CA ALA B 97 18.05 11.99 -10.94
C ALA B 97 17.82 13.47 -10.70
N ARG B 98 18.57 14.10 -9.78
CA ARG B 98 18.44 15.53 -9.48
C ARG B 98 18.86 16.38 -10.69
N GLN B 99 19.85 15.89 -11.48
CA GLN B 99 20.30 16.53 -12.70
C GLN B 99 19.14 16.44 -13.71
N ALA B 100 18.65 15.21 -13.98
CA ALA B 100 17.55 14.96 -14.92
C ALA B 100 16.23 15.70 -14.61
N ALA B 101 16.01 16.03 -13.33
CA ALA B 101 14.84 16.78 -12.88
C ALA B 101 14.88 18.23 -13.42
N GLY B 102 16.08 18.67 -13.82
CA GLY B 102 16.34 20.00 -14.37
C GLY B 102 16.24 21.08 -13.31
N GLY B 103 15.48 22.12 -13.64
CA GLY B 103 15.24 23.26 -12.76
C GLY B 103 13.99 23.15 -11.91
N ARG B 104 13.39 21.96 -11.86
N ARG B 104 13.40 21.95 -11.84
CA ARG B 104 12.17 21.71 -11.07
CA ARG B 104 12.19 21.71 -11.05
C ARG B 104 12.50 21.59 -9.58
C ARG B 104 12.53 21.62 -9.56
N LYS B 105 11.64 22.19 -8.72
CA LYS B 105 11.77 22.14 -7.26
C LYS B 105 11.43 20.68 -6.86
N ALA B 106 12.49 19.88 -6.67
CA ALA B 106 12.41 18.43 -6.39
C ALA B 106 12.44 18.05 -4.92
N LYS B 107 11.33 17.47 -4.42
CA LYS B 107 11.23 16.99 -3.05
C LYS B 107 11.71 15.53 -3.04
N VAL B 108 12.67 15.21 -2.13
CA VAL B 108 13.23 13.87 -2.02
C VAL B 108 12.54 13.11 -0.88
N ILE B 109 11.74 12.05 -1.24
CA ILE B 109 10.99 11.23 -0.31
C ILE B 109 11.63 9.85 -0.17
N TYR B 110 11.86 9.43 1.08
CA TYR B 110 12.29 8.07 1.36
C TYR B 110 11.02 7.28 1.80
N LEU B 111 10.70 6.21 1.10
CA LEU B 111 9.55 5.33 1.41
C LEU B 111 10.04 4.45 2.55
N SER B 112 9.49 4.70 3.76
CA SER B 112 9.96 4.03 4.97
C SER B 112 8.83 3.65 5.92
N PRO B 113 8.95 2.51 6.67
CA PRO B 113 7.94 2.21 7.71
C PRO B 113 7.96 3.24 8.86
N GLN B 114 9.11 3.92 9.04
CA GLN B 114 9.37 4.98 10.04
C GLN B 114 8.75 6.34 9.65
N GLY B 115 8.28 6.46 8.43
CA GLY B 115 7.74 7.72 7.93
C GLY B 115 6.34 8.06 8.39
N ARG B 116 5.93 9.26 7.98
CA ARG B 116 4.64 9.87 8.17
C ARG B 116 3.60 9.03 7.39
N GLN B 117 2.58 8.52 8.08
CA GLN B 117 1.53 7.74 7.45
C GLN B 117 0.88 8.55 6.35
N LEU B 118 0.82 7.96 5.16
CA LEU B 118 0.18 8.59 4.02
C LEU B 118 -1.36 8.54 4.26
N THR B 119 -2.03 9.68 3.99
CA THR B 119 -3.49 9.88 4.09
C THR B 119 -3.84 10.78 2.94
N GLN B 120 -5.14 10.88 2.58
CA GLN B 120 -5.53 11.73 1.45
C GLN B 120 -5.03 13.18 1.57
N ALA B 121 -4.95 13.70 2.81
CA ALA B 121 -4.42 15.04 3.11
C ALA B 121 -2.95 15.11 2.66
N GLY B 122 -2.19 14.06 3.01
CA GLY B 122 -0.80 13.91 2.60
C GLY B 122 -0.62 13.92 1.09
N VAL B 123 -1.48 13.17 0.41
CA VAL B 123 -1.52 13.02 -1.05
C VAL B 123 -1.71 14.38 -1.70
N ARG B 124 -2.69 15.18 -1.21
CA ARG B 124 -2.99 16.53 -1.66
C ARG B 124 -1.74 17.42 -1.54
N GLU B 125 -1.02 17.32 -0.41
CA GLU B 125 0.22 18.05 -0.17
C GLU B 125 1.28 17.70 -1.22
N LEU B 126 1.48 16.39 -1.43
CA LEU B 126 2.42 15.79 -2.36
C LEU B 126 2.11 16.12 -3.84
N ALA B 127 0.81 16.30 -4.16
CA ALA B 127 0.29 16.64 -5.49
C ALA B 127 0.66 18.06 -5.91
N GLU B 128 0.89 18.95 -4.93
CA GLU B 128 1.26 20.36 -5.13
C GLU B 128 2.70 20.49 -5.64
N GLU B 129 3.50 19.41 -5.55
CA GLU B 129 4.90 19.41 -5.97
C GLU B 129 5.07 19.34 -7.46
N GLU B 130 6.15 19.95 -7.99
CA GLU B 130 6.42 19.90 -9.42
C GLU B 130 7.30 18.71 -9.78
N ALA B 131 8.17 18.28 -8.84
CA ALA B 131 9.04 17.13 -9.05
C ALA B 131 9.20 16.33 -7.78
N LEU B 132 9.24 14.98 -7.91
CA LEU B 132 9.36 14.07 -6.78
C LEU B 132 10.39 13.04 -7.07
N ILE B 133 11.26 12.82 -6.10
CA ILE B 133 12.28 11.80 -6.19
C ILE B 133 12.00 10.85 -5.07
N LEU B 134 11.68 9.62 -5.41
CA LEU B 134 11.32 8.60 -4.46
C LEU B 134 12.38 7.55 -4.31
N ILE B 135 12.83 7.35 -3.06
CA ILE B 135 13.80 6.36 -2.71
C ILE B 135 13.10 5.14 -2.19
N ALA B 136 13.36 4.05 -2.90
CA ALA B 136 12.84 2.74 -2.58
C ALA B 136 14.00 1.88 -2.12
N GLY B 137 14.03 1.70 -0.80
CA GLY B 137 15.05 0.87 -0.18
C GLY B 137 14.76 -0.59 -0.30
N ARG B 138 15.76 -1.39 0.01
CA ARG B 138 15.70 -2.83 0.05
C ARG B 138 16.42 -3.26 1.29
N TYR B 139 16.47 -4.59 1.53
CA TYR B 139 17.13 -5.21 2.68
C TYR B 139 16.49 -4.71 4.01
N GLU B 140 17.30 -4.40 5.03
CA GLU B 140 16.89 -3.93 6.36
C GLU B 140 16.72 -2.39 6.44
N GLY B 141 16.98 -1.73 5.33
CA GLY B 141 16.93 -0.29 5.22
C GLY B 141 18.22 0.27 4.64
N ILE B 142 18.28 1.61 4.53
CA ILE B 142 19.36 2.44 4.03
C ILE B 142 20.09 3.15 5.22
N ASP B 143 21.37 3.58 5.02
CA ASP B 143 22.19 4.22 6.05
C ASP B 143 21.58 5.51 6.51
N GLU B 144 21.54 5.69 7.83
CA GLU B 144 20.98 6.86 8.48
C GLU B 144 21.58 8.18 8.02
N ARG B 145 22.89 8.19 7.74
CA ARG B 145 23.59 9.39 7.28
C ARG B 145 23.14 9.81 5.90
N PHE B 146 22.72 8.85 5.04
CA PHE B 146 22.21 9.15 3.70
C PHE B 146 20.92 9.95 3.87
N ILE B 147 20.02 9.45 4.77
CA ILE B 147 18.73 10.06 5.09
C ILE B 147 18.93 11.48 5.60
N GLU B 148 19.75 11.63 6.68
CA GLU B 148 20.15 12.87 7.32
C GLU B 148 20.69 13.89 6.29
N GLU B 149 21.51 13.43 5.35
CA GLU B 149 22.09 14.31 4.35
C GLU B 149 21.16 14.66 3.17
N HIS B 150 20.50 13.64 2.57
CA HIS B 150 19.76 13.84 1.31
C HIS B 150 18.21 13.84 1.32
N VAL B 151 17.59 13.11 2.25
CA VAL B 151 16.12 12.98 2.31
C VAL B 151 15.44 14.20 2.91
N ASP B 152 14.33 14.64 2.30
CA ASP B 152 13.52 15.76 2.78
C ASP B 152 12.38 15.25 3.69
N GLU B 153 11.62 14.23 3.22
CA GLU B 153 10.51 13.67 3.97
C GLU B 153 10.54 12.16 3.92
N GLU B 154 10.03 11.52 4.97
CA GLU B 154 9.88 10.07 5.03
C GLU B 154 8.39 9.75 5.05
N TRP B 155 7.94 8.80 4.22
CA TRP B 155 6.53 8.42 4.22
C TRP B 155 6.33 6.93 4.29
N SER B 156 5.32 6.55 5.04
CA SER B 156 4.88 5.17 5.17
C SER B 156 3.50 5.04 4.51
N ILE B 157 3.18 3.86 3.99
CA ILE B 157 1.83 3.62 3.42
C ILE B 157 0.91 2.88 4.41
N GLY B 158 1.43 2.42 5.55
CA GLY B 158 0.67 1.69 6.56
C GLY B 158 1.51 0.95 7.57
N ASP B 159 0.90 0.56 8.69
CA ASP B 159 1.61 -0.09 9.81
C ASP B 159 1.78 -1.60 9.62
N TYR B 160 2.46 -1.96 8.55
CA TYR B 160 2.75 -3.35 8.19
C TYR B 160 4.10 -3.34 7.48
N VAL B 161 4.84 -4.45 7.57
CA VAL B 161 6.17 -4.56 7.00
C VAL B 161 6.16 -5.22 5.63
N LEU B 162 6.74 -4.50 4.67
CA LEU B 162 6.91 -4.97 3.29
C LEU B 162 8.38 -5.25 3.11
N SER B 163 8.79 -5.92 2.01
CA SER B 163 10.23 -6.23 1.79
C SER B 163 10.97 -5.16 0.94
N GLY B 164 10.22 -4.23 0.38
CA GLY B 164 10.80 -3.12 -0.36
C GLY B 164 9.89 -1.94 -0.41
N GLY B 165 10.43 -0.82 -0.84
CA GLY B 165 9.70 0.43 -0.99
C GLY B 165 9.10 0.65 -2.36
N GLU B 166 9.24 -0.33 -3.28
CA GLU B 166 8.73 -0.23 -4.65
C GLU B 166 7.21 -0.15 -4.68
N LEU B 167 6.49 -1.16 -4.07
CA LEU B 167 5.03 -1.13 -3.99
C LEU B 167 4.58 0.16 -3.30
N PRO B 168 5.17 0.57 -2.14
CA PRO B 168 4.77 1.85 -1.53
C PRO B 168 4.97 3.02 -2.48
N ALA B 169 6.08 3.02 -3.26
CA ALA B 169 6.33 4.10 -4.23
C ALA B 169 5.24 4.13 -5.33
N MET B 170 4.84 2.94 -5.85
CA MET B 170 3.76 2.90 -6.85
C MET B 170 2.40 3.33 -6.29
N VAL B 171 2.11 2.99 -5.01
CA VAL B 171 0.90 3.42 -4.32
C VAL B 171 0.88 4.94 -4.21
N LEU B 172 2.01 5.54 -3.85
CA LEU B 172 2.15 6.98 -3.74
C LEU B 172 1.90 7.64 -5.10
N VAL B 173 2.58 7.19 -6.16
CA VAL B 173 2.41 7.74 -7.50
C VAL B 173 0.93 7.68 -7.93
N ASP B 174 0.30 6.49 -7.81
CA ASP B 174 -1.10 6.31 -8.16
C ASP B 174 -1.98 7.31 -7.44
N ALA B 175 -1.97 7.30 -6.12
CA ALA B 175 -2.76 8.25 -5.34
C ALA B 175 -2.59 9.71 -5.82
N VAL B 176 -1.34 10.13 -6.06
CA VAL B 176 -1.01 11.50 -6.46
C VAL B 176 -1.52 11.79 -7.88
N THR B 177 -1.23 10.89 -8.84
CA THR B 177 -1.64 10.99 -10.23
C THR B 177 -3.14 11.30 -10.35
N ARG B 178 -3.98 10.61 -9.55
CA ARG B 178 -5.43 10.83 -9.51
C ARG B 178 -5.79 12.31 -9.34
N LEU B 179 -4.94 13.10 -8.67
CA LEU B 179 -5.18 14.52 -8.41
C LEU B 179 -4.65 15.45 -9.53
N LEU B 180 -3.83 14.94 -10.45
CA LEU B 180 -3.30 15.71 -11.56
C LEU B 180 -4.45 16.19 -12.50
N PRO B 181 -4.49 17.50 -12.86
CA PRO B 181 -5.58 18.00 -13.70
C PRO B 181 -5.64 17.34 -15.09
N GLY B 182 -6.78 16.72 -15.36
CA GLY B 182 -7.03 16.03 -16.62
C GLY B 182 -6.71 14.55 -16.59
N ALA B 183 -6.27 14.03 -15.42
CA ALA B 183 -5.95 12.61 -15.28
C ALA B 183 -7.21 11.79 -15.15
N LEU B 184 -8.23 12.32 -14.45
CA LEU B 184 -9.52 11.68 -14.23
C LEU B 184 -10.43 11.93 -15.43
N THR B 196 -16.35 16.25 -4.33
CA THR B 196 -15.61 16.16 -3.07
C THR B 196 -16.45 15.50 -1.96
N ASP B 197 -15.83 14.55 -1.23
CA ASP B 197 -16.45 13.78 -0.14
C ASP B 197 -15.49 13.60 1.08
N GLY B 198 -15.06 12.36 1.34
CA GLY B 198 -14.21 11.99 2.48
C GLY B 198 -14.91 10.99 3.35
N LEU B 199 -15.77 10.15 2.69
CA LEU B 199 -16.60 9.09 3.25
C LEU B 199 -16.62 7.88 2.32
N LEU B 200 -16.96 6.68 2.85
CA LEU B 200 -16.98 5.41 2.12
C LEU B 200 -17.99 5.44 0.97
N ASP B 201 -17.89 4.50 0.04
CA ASP B 201 -18.82 4.49 -1.08
C ASP B 201 -20.12 3.79 -0.71
N CYS B 202 -21.17 4.10 -1.49
CA CYS B 202 -22.52 3.51 -1.45
C CYS B 202 -22.43 2.13 -2.12
N PRO B 203 -23.38 1.18 -1.95
CA PRO B 203 -23.26 -0.11 -2.68
C PRO B 203 -23.46 0.06 -4.19
N HIS B 204 -22.88 -0.85 -4.97
CA HIS B 204 -23.04 -0.84 -6.41
C HIS B 204 -23.80 -2.06 -6.85
N TYR B 205 -24.59 -1.87 -7.89
CA TYR B 205 -25.45 -2.89 -8.45
C TYR B 205 -25.46 -2.87 -9.97
N THR B 206 -25.42 -4.05 -10.56
CA THR B 206 -25.45 -4.19 -12.02
C THR B 206 -26.30 -5.38 -12.44
N ARG B 207 -26.61 -5.51 -13.76
CA ARG B 207 -27.45 -6.59 -14.27
C ARG B 207 -26.96 -8.01 -13.83
N PRO B 208 -27.86 -8.98 -13.52
CA PRO B 208 -29.34 -8.94 -13.59
C PRO B 208 -30.00 -8.22 -12.40
N GLU B 209 -31.30 -7.86 -12.51
CA GLU B 209 -32.06 -7.23 -11.43
C GLU B 209 -32.23 -8.27 -10.29
N VAL B 210 -32.27 -9.58 -10.64
CA VAL B 210 -32.38 -10.67 -9.67
C VAL B 210 -31.30 -11.69 -9.94
N TYR B 211 -30.55 -12.05 -8.92
CA TYR B 211 -29.54 -13.08 -9.03
C TYR B 211 -29.61 -13.90 -7.75
N ALA B 212 -29.75 -15.24 -7.87
CA ALA B 212 -29.81 -16.19 -6.76
C ALA B 212 -30.66 -15.71 -5.55
N ASP B 213 -31.92 -15.28 -5.85
CA ASP B 213 -32.92 -14.80 -4.88
C ASP B 213 -32.52 -13.47 -4.19
N LYS B 214 -31.74 -12.61 -4.90
CA LYS B 214 -31.30 -11.31 -4.38
C LYS B 214 -31.63 -10.22 -5.41
N ARG B 215 -32.46 -9.25 -5.03
CA ARG B 215 -32.91 -8.18 -5.93
C ARG B 215 -32.25 -6.83 -5.65
N VAL B 216 -32.06 -6.04 -6.70
CA VAL B 216 -31.50 -4.69 -6.63
C VAL B 216 -32.52 -3.78 -5.92
N PRO B 217 -32.12 -3.01 -4.87
CA PRO B 217 -33.07 -2.10 -4.21
C PRO B 217 -33.92 -1.27 -5.17
N GLU B 218 -35.27 -1.38 -5.01
CA GLU B 218 -36.32 -0.74 -5.82
C GLU B 218 -36.00 0.71 -6.18
N VAL B 219 -35.46 1.49 -5.20
CA VAL B 219 -35.10 2.90 -5.35
C VAL B 219 -34.23 3.13 -6.60
N LEU B 220 -33.25 2.24 -6.84
CA LEU B 220 -32.34 2.29 -7.99
C LEU B 220 -33.04 1.96 -9.29
N LEU B 221 -33.90 0.92 -9.28
CA LEU B 221 -34.69 0.48 -10.43
C LEU B 221 -35.70 1.57 -10.85
N SER B 222 -36.27 2.30 -9.86
CA SER B 222 -37.23 3.41 -10.02
C SER B 222 -36.85 4.41 -11.13
N GLY B 223 -35.75 5.15 -10.96
CA GLY B 223 -35.28 6.07 -11.98
C GLY B 223 -35.38 7.56 -11.69
N ASN B 224 -35.84 7.91 -10.46
CA ASN B 224 -35.96 9.30 -10.03
C ASN B 224 -34.58 9.85 -9.71
N HIS B 225 -34.16 10.94 -10.37
CA HIS B 225 -32.82 11.51 -10.17
C HIS B 225 -32.54 11.92 -8.71
N GLU B 226 -33.38 12.78 -8.12
CA GLU B 226 -33.25 13.27 -6.75
C GLU B 226 -33.25 12.17 -5.67
N HIS B 227 -34.13 11.16 -5.83
CA HIS B 227 -34.30 10.03 -4.91
C HIS B 227 -33.08 9.12 -4.81
N ILE B 228 -32.54 8.68 -5.98
CA ILE B 228 -31.35 7.83 -6.12
C ILE B 228 -30.13 8.54 -5.51
N ARG B 229 -30.02 9.85 -5.76
CA ARG B 229 -28.99 10.73 -5.23
C ARG B 229 -28.98 10.71 -3.67
N ARG B 230 -30.14 10.96 -3.02
CA ARG B 230 -30.34 10.98 -1.56
C ARG B 230 -30.08 9.60 -0.93
N TRP B 231 -30.54 8.54 -1.61
CA TRP B 231 -30.35 7.15 -1.18
C TRP B 231 -28.85 6.82 -1.09
N ARG B 232 -28.08 7.11 -2.19
CA ARG B 232 -26.65 6.91 -2.31
C ARG B 232 -25.90 7.66 -1.22
N LEU B 233 -26.21 8.95 -1.05
CA LEU B 233 -25.60 9.75 0.00
C LEU B 233 -25.82 9.13 1.39
N GLN B 234 -27.06 8.70 1.70
CA GLN B 234 -27.46 8.07 2.97
C GLN B 234 -26.74 6.74 3.20
N GLN B 235 -26.66 5.90 2.17
CA GLN B 235 -25.93 4.63 2.23
C GLN B 235 -24.44 4.87 2.46
N ALA B 236 -23.86 5.93 1.81
CA ALA B 236 -22.46 6.32 2.00
C ALA B 236 -22.22 6.82 3.41
N LEU B 237 -23.13 7.66 3.94
CA LEU B 237 -23.02 8.18 5.31
C LEU B 237 -23.16 7.05 6.31
N GLY B 238 -24.14 6.18 6.05
CA GLY B 238 -24.46 5.02 6.86
C GLY B 238 -23.35 4.01 6.97
N ARG B 239 -22.78 3.59 5.82
CA ARG B 239 -21.67 2.63 5.80
C ARG B 239 -20.42 3.22 6.52
N THR B 240 -20.13 4.53 6.28
CA THR B 240 -19.04 5.21 6.99
C THR B 240 -19.26 5.17 8.51
N TRP B 241 -20.47 5.55 8.96
CA TRP B 241 -20.82 5.50 10.37
C TRP B 241 -20.61 4.09 10.95
N GLU B 242 -21.06 3.06 10.22
CA GLU B 242 -20.96 1.69 10.67
C GLU B 242 -19.54 1.18 10.79
N ARG B 243 -18.70 1.43 9.78
CA ARG B 243 -17.35 0.84 9.73
C ARG B 243 -16.17 1.75 10.12
N ARG B 244 -16.26 3.03 9.77
CA ARG B 244 -15.17 3.96 9.99
C ARG B 244 -15.70 5.25 10.57
N ALA B 245 -16.24 5.15 11.80
CA ALA B 245 -16.84 6.27 12.52
C ALA B 245 -15.85 7.41 12.76
N ASP B 246 -14.55 7.07 12.92
CA ASP B 246 -13.42 8.00 13.09
C ASP B 246 -13.35 9.06 11.98
N LEU B 247 -13.69 8.67 10.74
CA LEU B 247 -13.74 9.56 9.57
C LEU B 247 -14.85 10.60 9.70
N LEU B 248 -15.79 10.40 10.65
CA LEU B 248 -16.91 11.32 10.90
C LEU B 248 -16.59 12.31 12.03
N ASP B 249 -15.70 11.93 12.97
CA ASP B 249 -15.30 12.77 14.11
C ASP B 249 -14.53 14.00 13.63
N SER B 250 -13.49 13.78 12.79
CA SER B 250 -12.69 14.85 12.19
C SER B 250 -13.35 15.20 10.86
N ARG B 251 -14.65 15.55 10.95
CA ARG B 251 -15.58 15.89 9.87
C ARG B 251 -16.82 16.55 10.48
N SER B 252 -17.35 17.57 9.80
CA SER B 252 -18.57 18.24 10.22
C SER B 252 -19.56 18.15 9.08
N LEU B 253 -20.63 17.38 9.34
CA LEU B 253 -21.68 17.05 8.39
C LEU B 253 -22.72 18.15 8.30
N SER B 254 -23.20 18.42 7.07
CA SER B 254 -24.23 19.43 6.82
C SER B 254 -25.58 18.95 7.39
N GLY B 255 -26.54 19.88 7.52
CA GLY B 255 -27.87 19.57 8.03
C GLY B 255 -28.55 18.49 7.24
N GLU B 256 -28.44 18.56 5.89
CA GLU B 256 -29.00 17.61 4.92
C GLU B 256 -28.41 16.20 5.08
N GLU B 257 -27.14 16.10 5.53
CA GLU B 257 -26.43 14.83 5.76
C GLU B 257 -26.64 14.36 7.20
N GLN B 258 -26.87 15.30 8.11
CA GLN B 258 -27.10 15.05 9.54
C GLN B 258 -28.44 14.34 9.73
N LYS B 259 -29.44 14.70 8.90
CA LYS B 259 -30.76 14.10 8.90
C LYS B 259 -30.73 12.71 8.28
N LEU B 260 -30.18 12.58 7.05
CA LEU B 260 -30.04 11.31 6.33
C LEU B 260 -29.29 10.25 7.14
N LEU B 261 -28.26 10.65 7.90
CA LEU B 261 -27.51 9.69 8.72
C LEU B 261 -28.32 9.22 9.93
N ALA B 262 -29.06 10.14 10.58
CA ALA B 262 -29.91 9.83 11.75
C ALA B 262 -31.03 8.86 11.32
N GLU B 263 -31.67 9.17 10.17
CA GLU B 263 -32.70 8.40 9.51
C GLU B 263 -32.16 6.98 9.19
N TYR B 264 -30.92 6.87 8.68
CA TYR B 264 -30.29 5.60 8.41
C TYR B 264 -30.13 4.78 9.66
N ILE B 265 -29.56 5.38 10.72
CA ILE B 265 -29.26 4.72 12.00
C ILE B 265 -30.48 4.09 12.65
N ARG B 266 -31.59 4.86 12.70
CA ARG B 266 -32.81 4.43 13.36
C ARG B 266 -33.67 3.48 12.51
N GLN B 267 -33.45 3.49 11.17
CA GLN B 267 -34.18 2.61 10.25
C GLN B 267 -33.40 1.33 9.91
N ARG B 268 -32.52 0.88 10.81
CA ARG B 268 -31.68 -0.27 10.54
C ARG B 268 -31.83 -1.25 11.68
N ASP B 269 -31.92 -2.56 11.38
CA ASP B 269 -32.07 -3.64 12.37
C ASP B 269 -30.86 -3.68 13.30
CAA 9D0 C . -22.95 9.46 -4.14
CAJ 9D0 C . -22.32 8.63 -3.01
CAK 9D0 C . -20.89 8.19 -3.41
CAL 9D0 C . -20.02 7.99 -2.16
CAM 9D0 C . -18.68 8.76 -2.30
CAN 9D0 C . -17.51 7.93 -1.76
CAO 9D0 C . -16.66 7.38 -2.91
CAP 9D0 C . -15.22 7.05 -2.43
NAT 9D0 C . -14.74 5.69 -2.84
CAQ 9D0 C . -14.53 5.55 -4.30
CAY 9D0 C . -13.54 4.63 -4.65
CAE 9D0 C . -13.82 3.25 -4.75
CAG 9D0 C . -12.80 2.35 -5.11
CAD 9D0 C . -12.24 5.09 -4.92
CAF 9D0 C . -11.23 4.19 -5.31
CAZ 9D0 C . -11.50 2.82 -5.39
CAR 9D0 C . -10.48 1.93 -5.76
NAU 9D0 C . -9.65 1.58 -4.61
CAX 9D0 C . -9.44 0.31 -4.24
OAB 9D0 C . -9.97 -0.60 -4.89
CBA 9D0 C . -8.71 0.03 -3.10
CBD 9D0 C . -8.09 0.86 -2.16
CBB 9D0 C . -7.87 2.22 -2.10
OAC 9D0 C . -8.29 3.05 -2.93
NAV 9D0 C . -7.12 2.80 -1.03
CAH 9D0 C . -6.61 2.07 -0.06
NAS 9D0 C . -6.85 0.70 -0.10
CBC 9D0 C . -7.54 0.15 -1.13
SAW 9D0 C . -7.78 -1.46 -1.32
CAI 9D0 C . -8.67 -1.29 -2.77
CAA 9D0 D . 4.19 -0.62 12.64
CAJ 9D0 D . 5.44 -0.09 11.93
CAK 9D0 D . 6.64 -0.88 12.47
CAL 9D0 D . 7.94 -0.43 11.79
CAM 9D0 D . 9.12 -1.20 12.37
CAN 9D0 D . 9.49 -2.39 11.46
CAO 9D0 D . 10.98 -2.38 11.14
CAP 9D0 D . 11.25 -1.73 9.77
NAT 9D0 D . 12.71 -1.62 9.45
CAQ 9D0 D . 13.23 -2.69 8.55
CAY 9D0 D . 12.70 -2.61 7.25
CAE 9D0 D . 12.91 -1.48 6.45
CAG 9D0 D . 12.36 -1.40 5.17
CAD 9D0 D . 11.94 -3.68 6.76
CAF 9D0 D . 11.39 -3.60 5.47
CAZ 9D0 D . 11.57 -2.46 4.69
CAR 9D0 D . 10.99 -2.38 3.41
NAU 9D0 D . 9.73 -1.57 3.42
CAX 9D0 D . 9.68 -0.25 3.11
OAB 9D0 D . 10.72 0.36 2.81
CBA 9D0 D . 8.51 0.44 3.17
CBD 9D0 D . 7.36 0.23 3.90
CBB 9D0 D . 6.93 -0.80 4.66
OAC 9D0 D . 7.59 -1.81 4.89
NAV 9D0 D . 5.65 -0.75 5.25
CAH 9D0 D . 4.83 0.28 5.13
NAS 9D0 D . 5.27 1.31 4.34
CBC 9D0 D . 6.48 1.28 3.78
SAW 9D0 D . 7.09 2.43 2.99
CAI 9D0 D . 8.52 1.65 2.61
#